data_1B4B
#
_entry.id   1B4B
#
_cell.length_a   82.000
_cell.length_b   82.000
_cell.length_c   67.200
_cell.angle_alpha   90.00
_cell.angle_beta   90.00
_cell.angle_gamma   90.00
#
_symmetry.space_group_name_H-M   'P 43 21 2'
#
loop_
_entity.id
_entity.type
_entity.pdbx_description
1 polymer 'ARGININE REPRESSOR'
2 non-polymer ARGININE
3 water water
#
_entity_poly.entity_id   1
_entity_poly.type   'polypeptide(L)'
_entity_poly.pdbx_seq_one_letter_code
;ALVDVFIKLDGTGNLLVLRTLPGNAHAIGVLLDNLDWDEIVGTICGDDTCLIICRTPKDAKKVSNQLLSML
;
_entity_poly.pdbx_strand_id   A,B,C
#
# COMPACT_ATOMS: atom_id res chain seq x y z
N ALA A 1 -4.62 15.42 17.83
CA ALA A 1 -5.35 14.25 17.28
C ALA A 1 -4.37 13.10 17.00
N LEU A 2 -3.33 13.35 16.20
CA LEU A 2 -2.33 12.34 15.88
C LEU A 2 -1.73 11.67 17.12
N VAL A 3 -1.34 12.48 18.09
CA VAL A 3 -0.73 11.94 19.29
C VAL A 3 -1.68 11.02 20.07
N ASP A 4 -2.98 11.19 19.84
CA ASP A 4 -3.98 10.38 20.54
C ASP A 4 -4.09 8.96 20.00
N VAL A 5 -3.66 8.75 18.77
CA VAL A 5 -3.75 7.43 18.17
C VAL A 5 -2.43 6.89 17.63
N PHE A 6 -1.44 7.78 17.51
CA PHE A 6 -0.11 7.42 17.02
C PHE A 6 0.50 6.32 17.87
N ILE A 7 1.18 5.37 17.23
CA ILE A 7 1.83 4.28 17.95
C ILE A 7 3.30 4.17 17.52
N LYS A 8 3.54 4.29 16.22
CA LYS A 8 4.89 4.14 15.72
C LYS A 8 4.99 4.65 14.28
N LEU A 9 6.15 5.18 13.91
CA LEU A 9 6.39 5.68 12.55
C LEU A 9 7.68 5.07 12.04
N ASP A 10 7.57 4.19 11.05
CA ASP A 10 8.72 3.53 10.46
C ASP A 10 8.81 3.90 8.98
N GLY A 11 9.83 3.41 8.30
CA GLY A 11 9.97 3.74 6.89
C GLY A 11 11.12 3.05 6.17
N THR A 12 11.06 3.11 4.85
CA THR A 12 12.07 2.51 3.98
C THR A 12 12.03 3.29 2.68
N GLY A 13 13.20 3.77 2.26
CA GLY A 13 13.24 4.52 1.02
C GLY A 13 12.24 5.64 1.06
N ASN A 14 11.42 5.74 0.02
CA ASN A 14 10.43 6.80 -0.07
C ASN A 14 9.12 6.45 0.62
N LEU A 15 9.09 5.35 1.37
CA LEU A 15 7.86 4.92 2.03
C LEU A 15 7.87 5.05 3.55
N LEU A 16 6.75 5.51 4.09
CA LEU A 16 6.61 5.63 5.54
C LEU A 16 5.42 4.75 5.96
N VAL A 17 5.61 4.03 7.05
CA VAL A 17 4.56 3.17 7.57
C VAL A 17 4.16 3.68 8.95
N LEU A 18 3.00 4.29 9.02
CA LEU A 18 2.46 4.83 10.27
C LEU A 18 1.51 3.82 10.93
N ARG A 19 1.85 3.40 12.15
CA ARG A 19 1.01 2.46 12.88
C ARG A 19 0.19 3.24 13.89
N THR A 20 -1.09 2.93 13.97
CA THR A 20 -1.99 3.61 14.89
C THR A 20 -2.72 2.61 15.75
N LEU A 21 -3.60 3.10 16.61
CA LEU A 21 -4.40 2.24 17.46
C LEU A 21 -5.35 1.51 16.52
N PRO A 22 -5.84 0.34 16.93
CA PRO A 22 -6.77 -0.43 16.09
C PRO A 22 -7.95 0.41 15.60
N GLY A 23 -8.24 0.30 14.31
CA GLY A 23 -9.36 1.01 13.71
C GLY A 23 -9.18 2.50 13.48
N ASN A 24 -7.99 3.03 13.74
CA ASN A 24 -7.76 4.47 13.57
C ASN A 24 -6.92 4.88 12.38
N ALA A 25 -6.60 3.93 11.50
CA ALA A 25 -5.77 4.23 10.34
C ALA A 25 -6.43 5.27 9.44
N HIS A 26 -7.69 5.05 9.07
CA HIS A 26 -8.38 5.99 8.20
C HIS A 26 -8.60 7.38 8.77
N ALA A 27 -8.63 7.49 10.10
CA ALA A 27 -8.80 8.79 10.75
C ALA A 27 -7.59 9.65 10.47
N ILE A 28 -6.41 9.04 10.54
CA ILE A 28 -5.15 9.71 10.29
C ILE A 28 -4.98 9.87 8.78
N GLY A 29 -5.52 8.92 8.04
CA GLY A 29 -5.42 8.99 6.59
C GLY A 29 -6.12 10.23 6.10
N VAL A 30 -7.21 10.59 6.79
CA VAL A 30 -7.98 11.77 6.44
C VAL A 30 -7.13 13.00 6.77
N LEU A 31 -6.47 12.96 7.92
CA LEU A 31 -5.60 14.05 8.35
C LEU A 31 -4.49 14.27 7.34
N LEU A 32 -3.80 13.19 6.98
CA LEU A 32 -2.70 13.25 6.02
C LEU A 32 -3.13 13.83 4.68
N ASP A 33 -4.22 13.30 4.14
CA ASP A 33 -4.73 13.75 2.86
C ASP A 33 -5.15 15.20 2.89
N ASN A 34 -5.55 15.68 4.06
CA ASN A 34 -5.98 17.07 4.21
C ASN A 34 -4.80 18.05 4.29
N LEU A 35 -3.64 17.53 4.63
CA LEU A 35 -2.46 18.37 4.71
C LEU A 35 -1.98 18.70 3.30
N ASP A 36 -2.18 17.78 2.37
CA ASP A 36 -1.75 17.97 0.99
C ASP A 36 -0.29 18.44 0.89
N TRP A 37 0.61 17.75 1.60
CA TRP A 37 2.02 18.08 1.54
C TRP A 37 2.58 17.63 0.20
N ASP A 38 3.35 18.50 -0.43
CA ASP A 38 3.95 18.20 -1.74
C ASP A 38 4.80 16.94 -1.69
N GLU A 39 5.36 16.63 -0.53
CA GLU A 39 6.21 15.47 -0.36
C GLU A 39 5.44 14.16 -0.44
N ILE A 40 4.18 14.19 -0.04
CA ILE A 40 3.36 12.98 -0.06
C ILE A 40 2.60 12.78 -1.37
N VAL A 41 2.94 11.71 -2.09
CA VAL A 41 2.28 11.39 -3.35
C VAL A 41 0.88 10.87 -3.05
N GLY A 42 0.76 10.10 -1.99
CA GLY A 42 -0.54 9.57 -1.62
C GLY A 42 -0.48 8.74 -0.36
N THR A 43 -1.65 8.38 0.15
CA THR A 43 -1.76 7.60 1.37
C THR A 43 -2.77 6.46 1.17
N ILE A 44 -2.50 5.32 1.78
CA ILE A 44 -3.41 4.16 1.70
C ILE A 44 -3.53 3.63 3.12
N CYS A 45 -4.74 3.53 3.64
CA CYS A 45 -4.94 3.04 4.99
C CYS A 45 -5.71 1.73 5.09
N GLY A 46 -5.27 0.91 6.03
CA GLY A 46 -5.93 -0.37 6.27
C GLY A 46 -6.71 -0.18 7.56
N ASP A 47 -6.44 -1.02 8.56
CA ASP A 47 -7.15 -0.88 9.83
C ASP A 47 -6.34 -0.13 10.89
N ASP A 48 -5.06 -0.47 11.01
CA ASP A 48 -4.20 0.19 11.98
C ASP A 48 -2.87 0.64 11.36
N THR A 49 -2.80 0.60 10.03
CA THR A 49 -1.58 1.00 9.37
C THR A 49 -1.87 1.93 8.20
N CYS A 50 -1.03 2.97 8.10
CA CYS A 50 -1.14 3.98 7.06
C CYS A 50 0.12 3.93 6.22
N LEU A 51 0.00 3.71 4.91
CA LEU A 51 1.18 3.73 4.05
C LEU A 51 1.26 5.10 3.41
N ILE A 52 2.32 5.85 3.70
CA ILE A 52 2.49 7.17 3.12
C ILE A 52 3.55 7.07 2.03
N ILE A 53 3.10 7.19 0.78
CA ILE A 53 3.99 7.10 -0.35
C ILE A 53 4.54 8.49 -0.66
N CYS A 54 5.83 8.68 -0.41
CA CYS A 54 6.49 9.97 -0.66
C CYS A 54 7.29 9.89 -1.96
N ARG A 55 7.59 11.04 -2.54
CA ARG A 55 8.32 11.07 -3.80
C ARG A 55 9.72 10.49 -3.74
N THR A 56 10.46 10.84 -2.70
CA THR A 56 11.83 10.38 -2.55
C THR A 56 12.14 10.06 -1.10
N PRO A 57 13.23 9.34 -0.85
CA PRO A 57 13.56 9.03 0.54
C PRO A 57 13.78 10.31 1.31
N LYS A 58 14.29 11.34 0.63
CA LYS A 58 14.54 12.62 1.27
C LYS A 58 13.24 13.28 1.69
N ASP A 59 12.23 13.20 0.83
CA ASP A 59 10.93 13.77 1.15
C ASP A 59 10.29 12.95 2.27
N ALA A 60 10.62 11.67 2.32
CA ALA A 60 10.09 10.81 3.36
C ALA A 60 10.67 11.24 4.71
N LYS A 61 11.98 11.49 4.75
CA LYS A 61 12.60 11.92 6.00
C LYS A 61 11.97 13.23 6.45
N LYS A 62 11.71 14.11 5.50
CA LYS A 62 11.12 15.39 5.79
C LYS A 62 9.73 15.20 6.39
N VAL A 63 8.90 14.43 5.70
CA VAL A 63 7.54 14.17 6.18
C VAL A 63 7.61 13.51 7.56
N SER A 64 8.53 12.56 7.73
CA SER A 64 8.65 11.88 9.01
C SER A 64 8.93 12.88 10.14
N ASN A 65 9.81 13.84 9.86
CA ASN A 65 10.17 14.87 10.84
C ASN A 65 8.99 15.74 11.23
N GLN A 66 8.26 16.22 10.23
CA GLN A 66 7.11 17.07 10.47
C GLN A 66 6.02 16.31 11.24
N LEU A 67 5.89 15.01 10.95
CA LEU A 67 4.88 14.20 11.62
C LEU A 67 5.22 13.99 13.09
N LEU A 68 6.47 13.63 13.36
CA LEU A 68 6.89 13.39 14.74
C LEU A 68 6.90 14.69 15.54
N SER A 69 6.99 15.82 14.85
CA SER A 69 7.01 17.11 15.53
C SER A 69 5.61 17.48 16.05
N MET A 70 4.60 16.76 15.59
CA MET A 70 3.23 17.01 16.01
C MET A 70 2.83 16.17 17.22
N LEU A 71 3.81 15.46 17.80
CA LEU A 71 3.57 14.61 18.96
C LEU A 71 4.03 15.29 20.25
N ALA B 1 -4.68 -22.51 7.89
CA ALA B 1 -5.03 -21.06 7.86
C ALA B 1 -4.64 -20.42 6.52
N LEU B 2 -3.38 -19.99 6.42
CA LEU B 2 -2.91 -19.36 5.18
C LEU B 2 -3.22 -20.20 3.94
N VAL B 3 -2.92 -21.49 4.00
CA VAL B 3 -3.15 -22.39 2.87
C VAL B 3 -4.61 -22.39 2.43
N ASP B 4 -5.50 -22.13 3.37
CA ASP B 4 -6.92 -22.16 3.09
C ASP B 4 -7.44 -20.95 2.30
N VAL B 5 -6.68 -19.86 2.29
CA VAL B 5 -7.11 -18.66 1.58
C VAL B 5 -6.07 -18.14 0.60
N PHE B 6 -4.84 -18.62 0.76
CA PHE B 6 -3.74 -18.20 -0.11
C PHE B 6 -4.06 -18.45 -1.57
N ILE B 7 -3.67 -17.52 -2.43
CA ILE B 7 -3.90 -17.69 -3.86
C ILE B 7 -2.62 -17.44 -4.65
N LYS B 8 -1.86 -16.43 -4.25
CA LYS B 8 -0.62 -16.10 -4.93
C LYS B 8 0.24 -15.15 -4.12
N LEU B 9 1.55 -15.27 -4.28
CA LEU B 9 2.48 -14.39 -3.58
C LEU B 9 3.46 -13.84 -4.60
N ASP B 10 3.38 -12.54 -4.83
CA ASP B 10 4.26 -11.87 -5.76
C ASP B 10 5.06 -10.79 -5.02
N GLY B 11 5.91 -10.08 -5.75
CA GLY B 11 6.72 -9.04 -5.12
C GLY B 11 7.65 -8.28 -6.05
N THR B 12 8.15 -7.16 -5.54
CA THR B 12 9.10 -6.30 -6.24
C THR B 12 9.89 -5.58 -5.18
N GLY B 13 11.21 -5.62 -5.31
CA GLY B 13 12.06 -4.96 -4.35
C GLY B 13 11.72 -5.43 -2.95
N ASN B 14 11.51 -4.48 -2.05
CA ASN B 14 11.19 -4.74 -0.65
C ASN B 14 9.71 -4.97 -0.39
N LEU B 15 8.92 -5.04 -1.46
CA LEU B 15 7.47 -5.22 -1.36
C LEU B 15 6.96 -6.59 -1.78
N LEU B 16 6.03 -7.14 -0.99
CA LEU B 16 5.41 -8.43 -1.31
C LEU B 16 3.91 -8.19 -1.41
N VAL B 17 3.30 -8.78 -2.43
CA VAL B 17 1.87 -8.64 -2.63
C VAL B 17 1.25 -10.02 -2.50
N LEU B 18 0.52 -10.24 -1.40
CA LEU B 18 -0.13 -11.51 -1.16
C LEU B 18 -1.60 -11.42 -1.56
N ARG B 19 -1.99 -12.28 -2.50
CA ARG B 19 -3.35 -12.34 -2.99
C ARG B 19 -4.09 -13.47 -2.28
N THR B 20 -5.28 -13.19 -1.78
CA THR B 20 -6.07 -14.20 -1.09
C THR B 20 -7.46 -14.30 -1.70
N LEU B 21 -8.28 -15.18 -1.15
CA LEU B 21 -9.64 -15.35 -1.63
C LEU B 21 -10.36 -14.05 -1.31
N PRO B 22 -11.44 -13.73 -2.05
CA PRO B 22 -12.16 -12.49 -1.78
C PRO B 22 -12.56 -12.34 -0.31
N GLY B 23 -12.37 -11.14 0.21
CA GLY B 23 -12.73 -10.86 1.59
C GLY B 23 -11.83 -11.43 2.67
N ASN B 24 -10.74 -12.11 2.30
CA ASN B 24 -9.85 -12.70 3.30
C ASN B 24 -8.53 -11.98 3.54
N ALA B 25 -8.33 -10.81 2.95
CA ALA B 25 -7.07 -10.12 3.12
C ALA B 25 -6.80 -9.74 4.57
N HIS B 26 -7.79 -9.16 5.26
CA HIS B 26 -7.56 -8.78 6.64
C HIS B 26 -7.38 -9.94 7.60
N ALA B 27 -7.87 -11.12 7.23
CA ALA B 27 -7.71 -12.31 8.08
C ALA B 27 -6.23 -12.69 8.10
N ILE B 28 -5.56 -12.61 6.96
CA ILE B 28 -4.15 -12.95 6.95
C ILE B 28 -3.35 -11.73 7.40
N GLY B 29 -3.92 -10.54 7.24
CA GLY B 29 -3.23 -9.36 7.70
C GLY B 29 -3.07 -9.47 9.21
N VAL B 30 -4.06 -10.07 9.86
CA VAL B 30 -4.00 -10.26 11.31
C VAL B 30 -2.93 -11.28 11.62
N LEU B 31 -2.86 -12.35 10.82
CA LEU B 31 -1.87 -13.40 10.99
C LEU B 31 -0.46 -12.80 10.85
N LEU B 32 -0.25 -12.06 9.77
CA LEU B 32 1.06 -11.45 9.53
C LEU B 32 1.48 -10.49 10.65
N ASP B 33 0.58 -9.61 11.06
CA ASP B 33 0.88 -8.67 12.14
C ASP B 33 1.16 -9.38 13.47
N ASN B 34 0.58 -10.56 13.63
CA ASN B 34 0.77 -11.35 14.85
C ASN B 34 2.12 -12.04 14.90
N LEU B 35 2.73 -12.23 13.73
CA LEU B 35 4.01 -12.89 13.68
C LEU B 35 5.11 -11.92 14.11
N ASP B 36 4.90 -10.63 13.86
CA ASP B 36 5.88 -9.62 14.24
C ASP B 36 7.29 -9.99 13.80
N TRP B 37 7.42 -10.34 12.52
CA TRP B 37 8.71 -10.68 11.95
C TRP B 37 9.50 -9.39 11.79
N ASP B 38 10.76 -9.40 12.20
CA ASP B 38 11.62 -8.22 12.11
C ASP B 38 11.75 -7.72 10.66
N GLU B 39 11.61 -8.64 9.71
CA GLU B 39 11.72 -8.32 8.29
C GLU B 39 10.55 -7.48 7.79
N ILE B 40 9.38 -7.67 8.40
CA ILE B 40 8.18 -6.94 7.99
C ILE B 40 8.01 -5.61 8.72
N VAL B 41 8.09 -4.50 7.97
CA VAL B 41 7.93 -3.16 8.53
C VAL B 41 6.46 -2.97 8.86
N GLY B 42 5.59 -3.48 8.00
CA GLY B 42 4.17 -3.36 8.24
C GLY B 42 3.36 -3.97 7.13
N THR B 43 2.05 -4.10 7.34
CA THR B 43 1.18 -4.65 6.32
C THR B 43 -0.07 -3.81 6.18
N ILE B 44 -0.59 -3.76 4.96
CA ILE B 44 -1.83 -3.02 4.67
C ILE B 44 -2.71 -3.94 3.85
N CYS B 45 -3.93 -4.17 4.31
CA CYS B 45 -4.85 -5.05 3.60
C CYS B 45 -6.08 -4.35 3.03
N GLY B 46 -6.47 -4.81 1.84
CA GLY B 46 -7.64 -4.28 1.18
C GLY B 46 -8.70 -5.37 1.32
N ASP B 47 -9.23 -5.85 0.21
CA ASP B 47 -10.24 -6.89 0.28
C ASP B 47 -9.67 -8.27 0.00
N ASP B 48 -8.84 -8.39 -1.04
CA ASP B 48 -8.23 -9.68 -1.36
C ASP B 48 -6.73 -9.55 -1.57
N THR B 49 -6.15 -8.42 -1.22
CA THR B 49 -4.71 -8.20 -1.38
C THR B 49 -4.10 -7.65 -0.09
N CYS B 50 -2.95 -8.21 0.25
CA CYS B 50 -2.21 -7.82 1.43
C CYS B 50 -0.85 -7.29 0.97
N LEU B 51 -0.53 -6.04 1.30
CA LEU B 51 0.77 -5.48 0.93
C LEU B 51 1.69 -5.62 2.13
N ILE B 52 2.77 -6.39 1.97
CA ILE B 52 3.72 -6.58 3.05
C ILE B 52 4.94 -5.72 2.75
N ILE B 53 5.13 -4.65 3.53
CA ILE B 53 6.27 -3.76 3.33
C ILE B 53 7.44 -4.28 4.16
N CYS B 54 8.48 -4.74 3.47
CA CYS B 54 9.66 -5.27 4.12
C CYS B 54 10.77 -4.25 4.05
N ARG B 55 11.75 -4.36 4.94
CA ARG B 55 12.83 -3.39 4.96
C ARG B 55 13.70 -3.38 3.71
N THR B 56 14.04 -4.55 3.19
CA THR B 56 14.88 -4.65 1.98
C THR B 56 14.40 -5.77 1.10
N PRO B 57 14.84 -5.79 -0.17
CA PRO B 57 14.42 -6.88 -1.04
C PRO B 57 14.89 -8.22 -0.45
N LYS B 58 16.01 -8.19 0.26
CA LYS B 58 16.55 -9.41 0.88
C LYS B 58 15.61 -9.92 1.96
N ASP B 59 15.10 -8.99 2.75
CA ASP B 59 14.15 -9.34 3.82
C ASP B 59 12.86 -9.84 3.17
N ALA B 60 12.53 -9.28 2.01
CA ALA B 60 11.32 -9.68 1.32
C ALA B 60 11.47 -11.11 0.83
N LYS B 61 12.62 -11.45 0.25
CA LYS B 61 12.85 -12.82 -0.23
C LYS B 61 12.72 -13.78 0.96
N LYS B 62 13.26 -13.37 2.10
CA LYS B 62 13.22 -14.19 3.30
C LYS B 62 11.78 -14.40 3.73
N VAL B 63 11.04 -13.31 3.87
CA VAL B 63 9.64 -13.41 4.28
C VAL B 63 8.88 -14.26 3.27
N SER B 64 9.14 -14.07 1.99
CA SER B 64 8.43 -14.84 0.97
C SER B 64 8.66 -16.33 1.16
N ASN B 65 9.90 -16.72 1.43
CA ASN B 65 10.20 -18.13 1.62
C ASN B 65 9.53 -18.71 2.87
N GLN B 66 9.55 -17.99 4.00
CA GLN B 66 8.90 -18.51 5.20
C GLN B 66 7.39 -18.60 4.98
N LEU B 67 6.83 -17.68 4.21
CA LEU B 67 5.39 -17.68 3.93
C LEU B 67 5.00 -18.88 3.09
N LEU B 68 5.73 -19.11 2.00
CA LEU B 68 5.45 -20.23 1.10
C LEU B 68 5.70 -21.56 1.80
N SER B 69 6.55 -21.57 2.82
CA SER B 69 6.86 -22.79 3.55
C SER B 69 5.70 -23.23 4.42
N MET B 70 4.73 -22.33 4.64
CA MET B 70 3.57 -22.63 5.46
C MET B 70 2.41 -23.15 4.62
N LEU B 71 2.68 -23.35 3.33
CA LEU B 71 1.69 -23.84 2.38
C LEU B 71 1.72 -25.36 2.29
N ALA C 1 -15.27 2.27 -16.38
CA ALA C 1 -15.91 3.57 -16.07
C ALA C 1 -14.91 4.49 -15.38
N LEU C 2 -13.63 4.16 -15.51
CA LEU C 2 -12.54 4.90 -14.88
C LEU C 2 -12.70 6.42 -14.98
N VAL C 3 -13.05 6.91 -16.16
CA VAL C 3 -13.19 8.35 -16.34
C VAL C 3 -14.27 8.95 -15.45
N ASP C 4 -15.21 8.14 -15.04
CA ASP C 4 -16.29 8.61 -14.19
C ASP C 4 -15.92 8.81 -12.73
N VAL C 5 -14.82 8.20 -12.29
CA VAL C 5 -14.40 8.35 -10.91
C VAL C 5 -12.95 8.80 -10.76
N PHE C 6 -12.19 8.73 -11.85
CA PHE C 6 -10.78 9.13 -11.88
C PHE C 6 -10.63 10.58 -11.46
N ILE C 7 -9.59 10.88 -10.69
CA ILE C 7 -9.33 12.26 -10.24
C ILE C 7 -7.89 12.66 -10.55
N LYS C 8 -6.96 11.74 -10.32
CA LYS C 8 -5.55 12.03 -10.58
C LYS C 8 -4.73 10.75 -10.55
N LEU C 9 -3.63 10.75 -11.31
CA LEU C 9 -2.74 9.60 -11.34
C LEU C 9 -1.32 10.10 -11.17
N ASP C 10 -0.72 9.74 -10.04
CA ASP C 10 0.63 10.15 -9.71
C ASP C 10 1.50 8.90 -9.57
N GLY C 11 2.78 9.10 -9.26
CA GLY C 11 3.67 7.95 -9.13
C GLY C 11 5.09 8.28 -8.75
N THR C 12 5.81 7.24 -8.32
CA THR C 12 7.21 7.35 -7.93
C THR C 12 7.82 5.98 -8.13
N GLY C 13 8.94 5.93 -8.85
CA GLY C 13 9.59 4.67 -9.09
C GLY C 13 8.60 3.69 -9.71
N ASN C 14 8.53 2.49 -9.15
CA ASN C 14 7.64 1.46 -9.67
C ASN C 14 6.23 1.54 -9.08
N LEU C 15 5.92 2.61 -8.36
CA LEU C 15 4.62 2.78 -7.73
C LEU C 15 3.73 3.86 -8.34
N LEU C 16 2.45 3.54 -8.50
CA LEU C 16 1.48 4.48 -9.04
C LEU C 16 0.41 4.70 -7.99
N VAL C 17 0.01 5.94 -7.80
CA VAL C 17 -1.02 6.28 -6.84
C VAL C 17 -2.20 6.86 -7.60
N LEU C 18 -3.28 6.10 -7.69
CA LEU C 18 -4.48 6.53 -8.39
C LEU C 18 -5.50 7.06 -7.39
N ARG C 19 -5.86 8.33 -7.55
CA ARG C 19 -6.82 8.99 -6.67
C ARG C 19 -8.18 9.00 -7.36
N THR C 20 -9.21 8.61 -6.63
CA THR C 20 -10.55 8.55 -7.18
C THR C 20 -11.52 9.34 -6.31
N LEU C 21 -12.78 9.38 -6.72
CA LEU C 21 -13.79 10.06 -5.94
C LEU C 21 -13.93 9.29 -4.64
N PRO C 22 -14.39 9.96 -3.57
CA PRO C 22 -14.55 9.29 -2.28
C PRO C 22 -15.35 7.98 -2.38
N GLY C 23 -14.83 6.93 -1.74
CA GLY C 23 -15.49 5.63 -1.74
C GLY C 23 -15.42 4.81 -3.01
N ASN C 24 -14.69 5.29 -4.02
CA ASN C 24 -14.62 4.56 -5.27
C ASN C 24 -13.30 3.84 -5.55
N ALA C 25 -12.40 3.81 -4.57
CA ALA C 25 -11.11 3.15 -4.76
C ALA C 25 -11.25 1.67 -5.11
N HIS C 26 -12.05 0.96 -4.32
CA HIS C 26 -12.24 -0.49 -4.56
C HIS C 26 -12.92 -0.83 -5.87
N ALA C 27 -13.71 0.10 -6.39
CA ALA C 27 -14.40 -0.10 -7.65
C ALA C 27 -13.37 -0.18 -8.78
N ILE C 28 -12.37 0.69 -8.73
CA ILE C 28 -11.33 0.68 -9.73
C ILE C 28 -10.33 -0.41 -9.40
N GLY C 29 -10.22 -0.75 -8.13
CA GLY C 29 -9.30 -1.79 -7.73
C GLY C 29 -9.75 -3.08 -8.39
N VAL C 30 -11.07 -3.23 -8.52
CA VAL C 30 -11.68 -4.39 -9.14
C VAL C 30 -11.31 -4.37 -10.62
N LEU C 31 -11.43 -3.19 -11.22
CA LEU C 31 -11.11 -3.01 -12.64
C LEU C 31 -9.66 -3.37 -12.92
N LEU C 32 -8.76 -2.81 -12.11
CA LEU C 32 -7.33 -3.04 -12.25
C LEU C 32 -6.96 -4.52 -12.12
N ASP C 33 -7.47 -5.17 -11.08
CA ASP C 33 -7.21 -6.58 -10.84
C ASP C 33 -7.74 -7.46 -11.97
N ASN C 34 -8.82 -7.01 -12.62
CA ASN C 34 -9.41 -7.78 -13.71
C ASN C 34 -8.63 -7.64 -15.02
N LEU C 35 -7.79 -6.63 -15.10
CA LEU C 35 -6.97 -6.39 -16.28
C LEU C 35 -5.84 -7.42 -16.31
N ASP C 36 -5.34 -7.74 -15.11
CA ASP C 36 -4.24 -8.67 -14.95
C ASP C 36 -3.08 -8.35 -15.89
N TRP C 37 -2.66 -7.09 -15.89
CA TRP C 37 -1.54 -6.66 -16.72
C TRP C 37 -0.26 -7.20 -16.10
N ASP C 38 0.63 -7.72 -16.94
CA ASP C 38 1.90 -8.28 -16.46
C ASP C 38 2.72 -7.24 -15.72
N GLU C 39 2.55 -5.97 -16.06
CA GLU C 39 3.30 -4.91 -15.42
C GLU C 39 2.87 -4.66 -13.98
N ILE C 40 1.62 -4.97 -13.66
CA ILE C 40 1.12 -4.75 -12.31
C ILE C 40 1.29 -5.97 -11.42
N VAL C 41 2.09 -5.80 -10.36
CA VAL C 41 2.36 -6.87 -9.40
C VAL C 41 1.11 -7.07 -8.55
N GLY C 42 0.48 -5.95 -8.19
CA GLY C 42 -0.71 -6.02 -7.38
C GLY C 42 -1.27 -4.64 -7.09
N THR C 43 -2.47 -4.60 -6.51
CA THR C 43 -3.11 -3.34 -6.17
C THR C 43 -3.68 -3.41 -4.77
N ILE C 44 -3.66 -2.28 -4.07
CA ILE C 44 -4.22 -2.18 -2.72
C ILE C 44 -5.05 -0.90 -2.69
N CYS C 45 -6.32 -1.03 -2.32
CA CYS C 45 -7.22 0.11 -2.27
C CYS C 45 -7.69 0.49 -0.87
N GLY C 46 -7.79 1.79 -0.65
CA GLY C 46 -8.28 2.29 0.63
C GLY C 46 -9.66 2.82 0.34
N ASP C 47 -9.91 4.10 0.62
CA ASP C 47 -11.23 4.67 0.36
C ASP C 47 -11.28 5.46 -0.95
N ASP C 48 -10.28 6.30 -1.18
CA ASP C 48 -10.20 7.09 -2.41
C ASP C 48 -8.85 7.00 -3.11
N THR C 49 -8.02 6.06 -2.66
CA THR C 49 -6.70 5.90 -3.24
C THR C 49 -6.40 4.45 -3.54
N CYS C 50 -5.83 4.21 -4.73
CA CYS C 50 -5.44 2.88 -5.16
C CYS C 50 -3.93 2.86 -5.38
N LEU C 51 -3.24 1.95 -4.70
CA LEU C 51 -1.81 1.86 -4.89
C LEU C 51 -1.55 0.74 -5.88
N ILE C 52 -0.97 1.08 -7.02
CA ILE C 52 -0.64 0.09 -8.03
C ILE C 52 0.86 -0.23 -7.96
N ILE C 53 1.19 -1.41 -7.47
CA ILE C 53 2.58 -1.83 -7.35
C ILE C 53 3.01 -2.46 -8.66
N CYS C 54 3.89 -1.79 -9.39
CA CYS C 54 4.39 -2.28 -10.66
C CYS C 54 5.80 -2.85 -10.47
N ARG C 55 6.23 -3.72 -11.40
CA ARG C 55 7.54 -4.37 -11.33
C ARG C 55 8.70 -3.38 -11.34
N THR C 56 8.68 -2.46 -12.28
CA THR C 56 9.74 -1.48 -12.38
C THR C 56 9.18 -0.12 -12.74
N PRO C 57 10.01 0.93 -12.62
CA PRO C 57 9.52 2.26 -12.97
C PRO C 57 9.09 2.31 -14.42
N LYS C 58 9.75 1.52 -15.25
CA LYS C 58 9.42 1.49 -16.67
C LYS C 58 8.05 0.89 -16.88
N ASP C 59 7.75 -0.17 -16.14
CA ASP C 59 6.44 -0.81 -16.25
C ASP C 59 5.39 0.15 -15.69
N ALA C 60 5.80 0.95 -14.72
CA ALA C 60 4.90 1.94 -14.10
C ALA C 60 4.51 2.96 -15.15
N LYS C 61 5.50 3.47 -15.87
CA LYS C 61 5.26 4.47 -16.91
C LYS C 61 4.31 3.90 -17.96
N LYS C 62 4.52 2.64 -18.29
CA LYS C 62 3.69 1.96 -19.28
C LYS C 62 2.25 1.86 -18.78
N VAL C 63 2.08 1.37 -17.56
CA VAL C 63 0.76 1.22 -16.98
C VAL C 63 0.09 2.60 -16.92
N SER C 64 0.86 3.60 -16.52
CA SER C 64 0.33 4.95 -16.41
C SER C 64 -0.24 5.43 -17.74
N ASN C 65 0.51 5.17 -18.80
CA ASN C 65 0.08 5.59 -20.13
C ASN C 65 -1.19 4.87 -20.59
N GLN C 66 -1.26 3.56 -20.38
CA GLN C 66 -2.43 2.81 -20.78
C GLN C 66 -3.66 3.26 -19.96
N LEU C 67 -3.42 3.60 -18.70
CA LEU C 67 -4.52 4.05 -17.83
C LEU C 67 -5.08 5.41 -18.27
N LEU C 68 -4.18 6.35 -18.52
CA LEU C 68 -4.59 7.69 -18.94
C LEU C 68 -5.23 7.67 -20.33
N SER C 69 -4.90 6.64 -21.10
CA SER C 69 -5.44 6.50 -22.44
C SER C 69 -6.91 6.11 -22.42
N MET C 70 -7.37 5.65 -21.25
CA MET C 70 -8.75 5.22 -21.09
C MET C 70 -9.68 6.34 -20.62
N LEU C 71 -9.15 7.57 -20.61
CA LEU C 71 -9.94 8.71 -20.19
C LEU C 71 -10.29 9.57 -21.40
#